data_1VHV
#
_entry.id   1VHV
#
_cell.length_a   50.892
_cell.length_b   56.416
_cell.length_c   101.144
_cell.angle_alpha   90.00
_cell.angle_beta   100.78
_cell.angle_gamma   90.00
#
_symmetry.space_group_name_H-M   'P 1 21 1'
#
loop_
_entity.id
_entity.type
_entity.pdbx_description
1 polymer 'diphthine synthase'
2 water water
#
_entity_poly.entity_id   1
_entity_poly.type   'polypeptide(L)'
_entity_poly.pdbx_seq_one_letter_code
;(MSE)GHHHHHHGGH(MSE)SLLTFVGLGLWDVKDISVKGLEAVREADEVYVEYYTSKLLSSIEE(MSE)EEFFGKRVVE
LERSDLEENSFRLIERAKSKSVVLLVPGDP(MSE)VATTHSAIKLEAERKGVKTRIIHGASISTAVCGLTGLHNYRFGKS
ATVSWHRSQTPVNVIKANRSIDAHTLLFLDLHPEP(MSE)TIGHAVENLIAEDAQ(MSE)KDLYAVGIARAGSGEEVVKC
DRLENLKKIDFGKPLHV(MSE)VVLAKTLHF(MSE)EFECLREFADAPAELERLVAEGGS
;
_entity_poly.pdbx_strand_id   A,B
#
# COMPACT_ATOMS: atom_id res chain seq x y z
N SER A 13 2.41 -28.68 4.02
CA SER A 13 1.18 -28.66 3.22
C SER A 13 0.90 -27.26 2.71
N LEU A 14 0.35 -26.32 3.45
CA LEU A 14 0.19 -24.96 2.94
C LEU A 14 -0.06 -23.93 4.03
N LEU A 15 0.71 -22.85 3.98
CA LEU A 15 0.55 -21.77 4.92
C LEU A 15 0.21 -20.51 4.06
N THR A 16 -1.03 -20.08 4.20
CA THR A 16 -1.42 -18.89 3.43
C THR A 16 -1.65 -17.70 4.33
N PHE A 17 -0.99 -16.58 4.05
CA PHE A 17 -1.18 -15.33 4.76
C PHE A 17 -2.25 -14.53 3.98
N VAL A 18 -3.31 -14.09 4.64
CA VAL A 18 -4.42 -13.42 3.94
C VAL A 18 -4.75 -12.09 4.55
N GLY A 19 -4.65 -11.00 3.76
CA GLY A 19 -4.97 -9.69 4.33
C GLY A 19 -6.47 -9.49 4.52
N LEU A 20 -6.89 -8.88 5.64
CA LEU A 20 -8.32 -8.67 5.86
C LEU A 20 -8.80 -7.33 5.32
N GLY A 21 -7.82 -6.44 5.05
CA GLY A 21 -8.27 -5.12 4.54
C GLY A 21 -8.40 -4.19 5.73
N LEU A 22 -9.12 -3.08 5.55
CA LEU A 22 -9.09 -2.10 6.61
C LEU A 22 -10.10 -1.94 7.68
N TRP A 23 -11.37 -2.28 7.42
CA TRP A 23 -12.40 -1.99 8.40
C TRP A 23 -13.34 -3.09 8.77
N ASP A 24 -13.92 -3.79 7.82
CA ASP A 24 -14.90 -4.85 8.28
C ASP A 24 -14.71 -6.13 7.51
N VAL A 25 -15.60 -7.12 7.78
CA VAL A 25 -15.52 -8.43 7.19
C VAL A 25 -15.54 -8.51 5.68
N LYS A 26 -16.22 -7.60 5.01
CA LYS A 26 -16.25 -7.59 3.56
C LYS A 26 -15.04 -6.92 2.91
N ASP A 27 -13.99 -6.53 3.65
CA ASP A 27 -12.81 -5.91 3.05
C ASP A 27 -11.83 -6.92 2.49
N ILE A 28 -12.05 -8.20 2.86
CA ILE A 28 -11.24 -9.29 2.37
C ILE A 28 -11.48 -9.47 0.87
N SER A 29 -10.47 -9.87 0.08
CA SER A 29 -10.68 -10.14 -1.32
C SER A 29 -11.58 -11.40 -1.43
N VAL A 30 -12.17 -11.56 -2.60
CA VAL A 30 -12.97 -12.72 -2.94
C VAL A 30 -12.02 -13.94 -2.96
N LYS A 31 -10.81 -13.79 -3.41
CA LYS A 31 -9.78 -14.86 -3.42
C LYS A 31 -9.47 -15.23 -1.96
N GLY A 32 -9.37 -14.23 -1.09
CA GLY A 32 -9.07 -14.43 0.34
C GLY A 32 -10.15 -15.24 1.01
N LEU A 33 -11.41 -14.87 0.67
CA LEU A 33 -12.54 -15.62 1.25
C LEU A 33 -12.53 -17.07 0.80
N GLU A 34 -12.23 -17.34 -0.48
CA GLU A 34 -12.17 -18.72 -0.95
C GLU A 34 -11.03 -19.48 -0.26
N ALA A 35 -9.93 -18.79 0.02
CA ALA A 35 -8.81 -19.41 0.68
C ALA A 35 -9.17 -19.81 2.11
N VAL A 36 -9.88 -18.94 2.81
CA VAL A 36 -10.33 -19.23 4.16
C VAL A 36 -11.33 -20.40 4.12
N ARG A 37 -12.23 -20.40 3.13
CA ARG A 37 -13.20 -21.51 3.05
C ARG A 37 -12.54 -22.87 2.73
N GLU A 38 -11.47 -22.86 1.95
CA GLU A 38 -10.76 -24.06 1.56
C GLU A 38 -9.74 -24.54 2.57
N ALA A 39 -9.42 -23.72 3.57
CA ALA A 39 -8.46 -24.06 4.58
C ALA A 39 -9.01 -25.05 5.62
N ASP A 40 -8.08 -25.82 6.19
CA ASP A 40 -8.47 -26.74 7.27
C ASP A 40 -8.54 -26.01 8.58
N GLU A 41 -7.61 -25.06 8.80
CA GLU A 41 -7.52 -24.32 10.05
C GLU A 41 -7.32 -22.81 9.77
N VAL A 42 -8.02 -21.98 10.50
CA VAL A 42 -7.96 -20.55 10.29
C VAL A 42 -7.61 -19.79 11.54
N TYR A 43 -6.56 -18.97 11.49
CA TYR A 43 -6.09 -18.21 12.62
C TYR A 43 -6.10 -16.71 12.29
N VAL A 44 -6.22 -15.88 13.31
CA VAL A 44 -6.19 -14.45 13.14
C VAL A 44 -5.36 -13.83 14.28
N GLU A 45 -4.81 -12.66 13.98
CA GLU A 45 -4.09 -11.92 15.00
C GLU A 45 -4.56 -10.44 14.92
N TYR A 46 -4.70 -9.85 16.07
CA TYR A 46 -5.08 -8.46 16.25
C TYR A 46 -3.94 -7.74 16.98
N TYR A 47 -2.72 -8.23 16.79
CA TYR A 47 -1.56 -7.63 17.41
C TYR A 47 -0.90 -6.57 16.55
N THR A 48 -0.94 -6.68 15.23
CA THR A 48 -0.27 -5.69 14.38
C THR A 48 -1.16 -4.51 14.03
N SER A 49 -2.46 -4.71 14.07
CA SER A 49 -3.51 -3.76 13.78
C SER A 49 -4.85 -4.41 14.11
N LYS A 50 -5.98 -3.79 13.79
CA LYS A 50 -7.26 -4.40 14.08
C LYS A 50 -8.37 -3.77 13.21
N LEU A 51 -9.43 -4.55 13.03
CA LEU A 51 -10.57 -4.08 12.26
C LEU A 51 -11.70 -3.78 13.26
N LEU A 52 -12.79 -3.21 12.75
CA LEU A 52 -13.94 -2.94 13.61
C LEU A 52 -14.56 -4.26 14.06
N SER A 53 -14.69 -5.23 13.15
CA SER A 53 -15.27 -6.52 13.48
C SER A 53 -14.54 -7.29 14.59
N SER A 54 -15.36 -8.00 15.37
CA SER A 54 -14.82 -8.82 16.45
C SER A 54 -14.50 -10.21 15.89
N ILE A 55 -13.89 -11.02 16.73
CA ILE A 55 -13.58 -12.39 16.30
C ILE A 55 -14.89 -13.11 15.92
N GLU A 56 -15.93 -12.98 16.74
CA GLU A 56 -17.23 -13.59 16.50
C GLU A 56 -17.86 -13.19 15.18
N GLU A 57 -17.73 -11.93 14.79
CA GLU A 57 -18.24 -11.44 13.51
C GLU A 57 -17.44 -12.02 12.34
N MSE A 58 -16.17 -12.35 12.52
CA MSE A 58 -15.43 -13.00 11.43
C MSE A 58 -15.92 -14.45 11.30
O MSE A 58 -16.14 -14.98 10.20
CB MSE A 58 -13.93 -12.99 11.69
CG MSE A 58 -13.37 -11.56 11.67
SE MSE A 58 -11.45 -11.55 11.86
CE MSE A 58 -11.00 -13.33 11.42
N GLU A 59 -16.11 -15.09 12.44
CA GLU A 59 -16.60 -16.47 12.45
C GLU A 59 -17.96 -16.55 11.77
N GLU A 60 -18.81 -15.56 11.98
CA GLU A 60 -20.09 -15.53 11.28
C GLU A 60 -19.92 -15.39 9.77
N PHE A 61 -19.04 -14.54 9.29
CA PHE A 61 -18.79 -14.35 7.87
C PHE A 61 -18.08 -15.52 7.21
N PHE A 62 -17.18 -16.18 7.95
CA PHE A 62 -16.47 -17.32 7.38
C PHE A 62 -17.26 -18.61 7.66
N GLY A 63 -18.22 -18.54 8.57
CA GLY A 63 -19.03 -19.72 8.89
C GLY A 63 -18.22 -20.86 9.47
N LYS A 64 -17.13 -20.52 10.18
CA LYS A 64 -16.29 -21.53 10.81
C LYS A 64 -15.47 -20.85 11.92
N ARG A 65 -14.97 -21.67 12.82
CA ARG A 65 -14.21 -21.11 13.94
C ARG A 65 -12.91 -20.47 13.44
N VAL A 66 -12.55 -19.40 14.09
CA VAL A 66 -11.29 -18.66 13.77
C VAL A 66 -10.55 -18.52 15.08
N VAL A 67 -9.32 -19.05 15.15
CA VAL A 67 -8.58 -18.97 16.42
C VAL A 67 -7.64 -17.79 16.49
N GLU A 68 -7.77 -16.98 17.53
CA GLU A 68 -6.96 -15.84 17.75
C GLU A 68 -5.57 -16.15 18.29
N LEU A 69 -4.54 -15.58 17.67
CA LEU A 69 -3.18 -15.78 18.10
C LEU A 69 -2.63 -14.55 18.79
N GLU A 70 -1.73 -14.79 19.74
CA GLU A 70 -1.11 -13.66 20.46
C GLU A 70 0.31 -13.45 19.96
N ARG A 71 0.94 -12.35 20.37
CA ARG A 71 2.30 -12.02 19.97
C ARG A 71 3.25 -13.20 20.08
N SER A 72 3.28 -13.86 21.25
CA SER A 72 4.18 -15.02 21.39
C SER A 72 3.93 -16.08 20.35
N ASP A 73 2.70 -16.31 19.89
CA ASP A 73 2.41 -17.28 18.87
C ASP A 73 2.98 -16.81 17.50
N LEU A 74 3.10 -15.53 17.31
CA LEU A 74 3.60 -15.00 16.04
C LEU A 74 5.11 -14.80 16.02
N GLU A 75 5.75 -14.72 17.20
CA GLU A 75 7.17 -14.49 17.31
C GLU A 75 7.96 -15.68 17.81
N GLU A 76 8.32 -15.76 19.11
CA GLU A 76 9.13 -16.91 19.54
C GLU A 76 8.53 -18.27 19.31
N ASN A 77 7.22 -18.44 19.38
CA ASN A 77 6.59 -19.73 19.19
C ASN A 77 5.98 -19.92 17.80
N SER A 78 6.47 -19.20 16.77
CA SER A 78 5.93 -19.38 15.42
C SER A 78 6.13 -20.74 14.84
N PHE A 79 7.10 -21.55 15.35
CA PHE A 79 7.30 -22.89 14.93
C PHE A 79 6.03 -23.71 15.14
N ARG A 80 5.17 -23.35 16.08
CA ARG A 80 3.94 -24.12 16.28
C ARG A 80 2.99 -24.02 15.10
N LEU A 81 2.74 -22.79 14.67
CA LEU A 81 1.87 -22.56 13.52
C LEU A 81 2.45 -23.24 12.29
N ILE A 82 3.77 -23.15 12.11
CA ILE A 82 4.43 -23.79 10.96
C ILE A 82 4.30 -25.29 11.01
N GLU A 83 4.37 -25.87 12.22
CA GLU A 83 4.21 -27.33 12.35
C GLU A 83 2.80 -27.73 11.91
N ARG A 84 1.76 -26.99 12.20
CA ARG A 84 0.39 -27.25 11.79
C ARG A 84 0.36 -27.29 10.25
N ALA A 85 0.98 -26.25 9.63
CA ALA A 85 0.97 -26.22 8.18
C ALA A 85 1.71 -27.32 7.47
N LYS A 86 2.50 -28.16 8.15
CA LYS A 86 3.22 -29.23 7.48
C LYS A 86 2.28 -30.36 7.07
N SER A 87 1.11 -30.46 7.68
CA SER A 87 0.17 -31.54 7.34
C SER A 87 -1.22 -31.01 7.08
N LYS A 88 -1.41 -29.68 7.09
CA LYS A 88 -2.76 -29.16 6.87
C LYS A 88 -2.72 -27.87 6.04
N SER A 89 -3.87 -27.50 5.52
CA SER A 89 -3.94 -26.22 4.79
C SER A 89 -4.32 -25.16 5.82
N VAL A 90 -3.36 -24.29 6.16
CA VAL A 90 -3.51 -23.28 7.17
C VAL A 90 -3.56 -21.83 6.63
N VAL A 91 -4.44 -21.04 7.20
CA VAL A 91 -4.57 -19.64 6.87
C VAL A 91 -4.34 -18.78 8.10
N LEU A 92 -3.52 -17.74 7.97
CA LEU A 92 -3.30 -16.79 9.03
C LEU A 92 -3.89 -15.44 8.50
N LEU A 93 -4.95 -15.01 9.15
CA LEU A 93 -5.62 -13.74 8.74
C LEU A 93 -4.91 -12.58 9.42
N VAL A 94 -4.65 -11.48 8.70
CA VAL A 94 -3.98 -10.31 9.25
C VAL A 94 -4.68 -9.01 8.80
N PRO A 95 -4.98 -8.15 9.72
CA PRO A 95 -5.60 -6.83 9.42
C PRO A 95 -4.82 -6.10 8.36
N GLY A 96 -5.50 -5.54 7.35
CA GLY A 96 -4.80 -4.81 6.28
C GLY A 96 -4.15 -5.84 5.36
N ASP A 97 -2.86 -5.67 5.12
CA ASP A 97 -2.11 -6.64 4.32
C ASP A 97 -1.22 -7.38 5.33
N PRO A 98 -0.89 -8.64 5.12
CA PRO A 98 -0.14 -9.38 6.11
C PRO A 98 1.32 -9.05 6.32
N MSE A 99 2.01 -8.57 5.30
CA MSE A 99 3.43 -8.26 5.33
C MSE A 99 3.75 -6.78 5.42
O MSE A 99 4.95 -6.42 5.40
CB MSE A 99 4.20 -8.82 4.13
CG MSE A 99 4.97 -10.09 4.35
SE MSE A 99 3.86 -11.50 5.02
CE MSE A 99 2.43 -11.41 3.77
N VAL A 100 2.77 -5.92 5.61
CA VAL A 100 3.08 -4.49 5.82
C VAL A 100 3.61 -4.34 7.25
N ALA A 101 3.33 -5.30 8.14
CA ALA A 101 4.02 -5.28 9.46
C ALA A 101 5.34 -5.98 9.09
N THR A 102 6.29 -6.20 9.97
CA THR A 102 7.50 -6.91 9.58
C THR A 102 7.41 -8.29 10.27
N THR A 103 6.44 -8.32 11.20
CA THR A 103 6.27 -9.55 11.94
C THR A 103 6.22 -10.76 11.00
N HIS A 104 5.30 -10.67 10.04
CA HIS A 104 4.97 -11.82 9.22
C HIS A 104 5.95 -12.31 8.21
N SER A 105 6.85 -11.42 7.70
CA SER A 105 7.85 -11.96 6.79
C SER A 105 8.72 -13.00 7.54
N ALA A 106 8.98 -12.78 8.82
CA ALA A 106 9.77 -13.77 9.60
C ALA A 106 9.10 -15.13 9.63
N ILE A 107 7.78 -15.19 9.67
CA ILE A 107 7.06 -16.45 9.67
C ILE A 107 7.22 -17.14 8.34
N LYS A 108 7.09 -16.33 7.25
CA LYS A 108 7.21 -16.82 5.91
C LYS A 108 8.62 -17.37 5.69
N LEU A 109 9.66 -16.71 6.16
CA LEU A 109 11.04 -17.15 6.01
C LEU A 109 11.24 -18.50 6.72
N GLU A 110 10.73 -18.54 7.93
CA GLU A 110 10.84 -19.78 8.74
C GLU A 110 10.12 -20.91 8.07
N ALA A 111 8.93 -20.70 7.54
CA ALA A 111 8.17 -21.71 6.83
C ALA A 111 8.87 -22.20 5.57
N GLU A 112 9.36 -21.27 4.74
CA GLU A 112 10.05 -21.65 3.52
C GLU A 112 11.35 -22.41 3.83
N ARG A 113 12.05 -22.06 4.88
CA ARG A 113 13.27 -22.79 5.25
C ARG A 113 12.94 -24.22 5.66
N LYS A 114 11.80 -24.44 6.31
CA LYS A 114 11.40 -25.79 6.72
C LYS A 114 10.73 -26.59 5.64
N GLY A 115 10.65 -26.04 4.43
CA GLY A 115 10.07 -26.65 3.28
C GLY A 115 8.58 -26.62 3.16
N VAL A 116 7.91 -25.71 3.87
CA VAL A 116 6.48 -25.58 3.83
C VAL A 116 6.11 -24.50 2.77
N LYS A 117 5.25 -24.84 1.87
CA LYS A 117 4.84 -23.92 0.81
C LYS A 117 4.04 -22.75 1.40
N THR A 118 4.31 -21.54 0.92
CA THR A 118 3.54 -20.43 1.49
C THR A 118 2.84 -19.72 0.31
N ARG A 119 1.89 -18.88 0.68
CA ARG A 119 1.18 -18.10 -0.37
C ARG A 119 0.69 -16.84 0.36
N ILE A 120 0.64 -15.74 -0.37
CA ILE A 120 0.14 -14.50 0.23
C ILE A 120 -1.05 -14.01 -0.60
N ILE A 121 -2.12 -13.70 0.07
CA ILE A 121 -3.32 -13.14 -0.58
C ILE A 121 -3.33 -11.72 -0.01
N HIS A 122 -2.97 -10.76 -0.87
CA HIS A 122 -2.81 -9.39 -0.45
C HIS A 122 -4.09 -8.67 -0.10
N GLY A 123 -3.96 -7.69 0.80
CA GLY A 123 -5.11 -6.89 1.14
C GLY A 123 -4.82 -5.38 1.04
N ALA A 124 -5.89 -4.62 1.28
CA ALA A 124 -5.80 -3.15 1.24
C ALA A 124 -4.98 -2.73 2.46
N SER A 125 -4.15 -1.71 2.30
CA SER A 125 -3.30 -1.30 3.43
C SER A 125 -3.54 0.19 3.71
N ILE A 126 -3.34 0.57 4.95
CA ILE A 126 -3.54 1.94 5.38
C ILE A 126 -2.58 2.85 4.64
N SER A 127 -1.38 2.37 4.43
CA SER A 127 -0.28 2.99 3.75
C SER A 127 -0.66 3.53 2.39
N THR A 128 -1.78 3.10 1.84
CA THR A 128 -2.30 3.51 0.56
C THR A 128 -3.64 4.17 0.63
N ALA A 129 -4.51 3.84 1.60
CA ALA A 129 -5.80 4.41 1.84
C ALA A 129 -5.74 5.91 2.22
N VAL A 130 -4.63 6.32 2.85
CA VAL A 130 -4.55 7.74 3.22
C VAL A 130 -4.53 8.61 1.95
N CYS A 131 -3.93 8.11 0.89
CA CYS A 131 -3.92 8.92 -0.38
C CYS A 131 -5.29 9.19 -0.89
N GLY A 132 -6.16 8.16 -0.98
CA GLY A 132 -7.53 8.39 -1.40
C GLY A 132 -8.28 9.37 -0.54
N LEU A 133 -8.05 9.41 0.78
CA LEU A 133 -8.79 10.31 1.64
C LEU A 133 -8.26 11.73 1.71
N THR A 134 -7.04 11.96 1.25
CA THR A 134 -6.42 13.26 1.37
C THR A 134 -6.06 13.91 0.03
N GLY A 135 -5.85 13.08 -0.99
CA GLY A 135 -5.37 13.68 -2.26
C GLY A 135 -3.88 13.85 -2.25
N LEU A 136 -3.14 13.44 -1.20
CA LEU A 136 -1.68 13.49 -1.23
C LEU A 136 -1.12 12.48 -2.23
N HIS A 137 -0.04 12.85 -2.91
CA HIS A 137 0.50 11.92 -3.94
C HIS A 137 1.24 10.78 -3.27
N ASN A 138 0.89 9.56 -3.65
CA ASN A 138 1.57 8.40 -2.99
C ASN A 138 3.06 8.37 -3.20
N TYR A 139 3.55 8.74 -4.39
CA TYR A 139 4.97 8.71 -4.68
C TYR A 139 5.79 9.69 -3.92
N ARG A 140 5.15 10.67 -3.21
CA ARG A 140 5.89 11.61 -2.44
C ARG A 140 6.06 11.18 -0.96
N PHE A 141 5.44 10.07 -0.63
CA PHE A 141 5.64 9.63 0.81
C PHE A 141 7.05 9.05 0.96
N GLY A 142 7.68 9.32 2.04
CA GLY A 142 9.01 8.86 2.45
C GLY A 142 8.80 7.69 3.46
N LYS A 143 9.82 7.48 4.28
CA LYS A 143 9.81 6.41 5.26
C LYS A 143 8.68 6.61 6.28
N SER A 144 8.11 5.51 6.74
CA SER A 144 7.05 5.71 7.78
C SER A 144 7.68 5.52 9.16
N ALA A 145 6.86 5.91 10.15
CA ALA A 145 7.35 5.72 11.54
C ALA A 145 6.11 5.46 12.41
N THR A 146 6.43 4.88 13.58
CA THR A 146 5.34 4.64 14.54
C THR A 146 5.59 5.47 15.81
N VAL A 147 4.61 6.21 16.27
CA VAL A 147 4.63 7.03 17.46
C VAL A 147 4.25 6.11 18.64
N SER A 148 5.23 5.83 19.47
CA SER A 148 4.92 4.87 20.56
C SER A 148 4.51 5.65 21.79
N TRP A 149 3.78 4.96 22.69
CA TRP A 149 3.36 5.70 23.92
C TRP A 149 4.59 6.17 24.69
N HIS A 150 5.67 5.38 24.70
CA HIS A 150 6.89 5.80 25.38
C HIS A 150 7.71 6.74 24.49
N ARG A 151 8.43 7.62 25.13
CA ARG A 151 9.30 8.62 24.52
C ARG A 151 10.34 7.97 23.62
N SER A 152 10.54 8.54 22.44
CA SER A 152 11.53 8.07 21.48
C SER A 152 11.85 9.22 20.52
N GLN A 153 13.09 9.31 20.06
CA GLN A 153 13.48 10.35 19.12
C GLN A 153 13.21 9.86 17.69
N THR A 154 12.81 8.61 17.57
CA THR A 154 12.65 8.02 16.22
C THR A 154 11.69 8.70 15.30
N PRO A 155 10.43 8.88 15.67
CA PRO A 155 9.46 9.51 14.79
C PRO A 155 9.94 10.87 14.32
N VAL A 156 10.38 11.74 15.27
CA VAL A 156 10.84 13.08 14.85
C VAL A 156 12.02 12.98 13.88
N ASN A 157 12.99 12.10 14.14
CA ASN A 157 14.10 11.94 13.20
C ASN A 157 13.66 11.47 11.84
N VAL A 158 12.62 10.60 11.77
CA VAL A 158 12.14 10.14 10.47
C VAL A 158 11.44 11.31 9.75
N ILE A 159 10.66 12.04 10.57
CA ILE A 159 9.96 13.20 9.92
C ILE A 159 10.98 14.14 9.29
N LYS A 160 12.02 14.47 10.06
CA LYS A 160 13.07 15.39 9.61
C LYS A 160 13.83 14.85 8.42
N ALA A 161 14.18 13.55 8.45
CA ALA A 161 14.88 12.99 7.28
C ALA A 161 14.01 13.01 6.04
N ASN A 162 12.69 12.74 6.17
CA ASN A 162 11.82 12.81 5.04
C ASN A 162 11.70 14.25 4.51
N ARG A 163 11.56 15.21 5.42
CA ARG A 163 11.46 16.61 4.94
C ARG A 163 12.77 17.04 4.27
N SER A 164 13.90 16.43 4.65
CA SER A 164 15.17 16.78 3.97
C SER A 164 15.13 16.39 2.54
N ILE A 165 14.35 15.38 2.10
CA ILE A 165 14.21 15.03 0.69
C ILE A 165 12.89 15.47 0.08
N ASP A 166 12.19 16.33 0.83
CA ASP A 166 10.91 16.90 0.45
C ASP A 166 9.83 15.83 0.23
N ALA A 167 9.64 14.99 1.29
CA ALA A 167 8.71 13.91 1.28
C ALA A 167 7.74 13.92 2.52
N HIS A 168 6.57 13.34 2.30
CA HIS A 168 5.56 13.25 3.37
C HIS A 168 5.94 12.12 4.32
N THR A 169 5.38 12.14 5.51
CA THR A 169 5.66 11.10 6.50
C THR A 169 4.34 10.48 7.01
N LEU A 170 4.19 9.19 6.81
CA LEU A 170 3.03 8.48 7.35
C LEU A 170 3.40 8.07 8.79
N LEU A 171 2.52 8.38 9.73
CA LEU A 171 2.79 7.98 11.13
C LEU A 171 1.73 7.02 11.64
N PHE A 172 2.13 5.84 12.01
CA PHE A 172 1.26 4.84 12.63
C PHE A 172 1.35 5.15 14.15
N LEU A 173 0.25 4.93 14.86
CA LEU A 173 0.26 5.23 16.29
C LEU A 173 0.19 3.92 17.07
N ASP A 174 0.77 3.96 18.29
CA ASP A 174 0.88 2.74 19.10
C ASP A 174 -0.51 2.13 19.30
N LEU A 175 -0.55 0.80 19.28
CA LEU A 175 -1.78 0.06 19.46
C LEU A 175 -1.91 -0.54 20.87
N HIS A 176 -0.81 -0.64 21.56
CA HIS A 176 -0.84 -1.32 22.91
C HIS A 176 -0.33 -0.43 24.00
N PRO A 177 -0.87 -0.57 25.23
CA PRO A 177 -1.91 -1.53 25.52
C PRO A 177 -3.27 -1.18 24.99
N GLU A 178 -3.48 0.10 24.67
CA GLU A 178 -4.69 0.61 24.07
C GLU A 178 -4.22 1.53 22.89
N PRO A 179 -5.09 1.71 21.93
CA PRO A 179 -4.67 2.54 20.78
C PRO A 179 -4.54 4.01 21.09
N MSE A 180 -3.42 4.62 20.71
CA MSE A 180 -3.14 6.03 20.87
C MSE A 180 -3.94 6.91 19.90
O MSE A 180 -4.07 6.58 18.74
CB MSE A 180 -1.64 6.28 20.56
CG MSE A 180 -1.23 7.74 20.66
SE MSE A 180 0.66 7.90 20.16
CE MSE A 180 1.43 6.96 21.54
N THR A 181 -4.50 8.03 20.40
CA THR A 181 -5.25 8.92 19.51
C THR A 181 -4.38 10.05 18.96
N ILE A 182 -4.92 10.80 17.98
CA ILE A 182 -4.15 11.94 17.42
C ILE A 182 -3.76 12.96 18.45
N GLY A 183 -4.66 13.26 19.40
CA GLY A 183 -4.36 14.22 20.47
C GLY A 183 -3.13 13.82 21.26
N HIS A 184 -3.06 12.58 21.70
CA HIS A 184 -1.89 12.12 22.44
C HIS A 184 -0.63 12.12 21.54
N ALA A 185 -0.79 11.73 20.29
CA ALA A 185 0.38 11.71 19.35
C ALA A 185 0.96 13.11 19.20
N VAL A 186 0.13 14.14 19.02
CA VAL A 186 0.56 15.52 18.92
C VAL A 186 1.37 15.94 20.16
N GLU A 187 0.82 15.64 21.33
CA GLU A 187 1.47 15.94 22.61
C GLU A 187 2.87 15.30 22.64
N ASN A 188 2.91 14.04 22.25
CA ASN A 188 4.17 13.30 22.22
C ASN A 188 5.20 13.93 21.30
N LEU A 189 4.80 14.23 20.06
CA LEU A 189 5.76 14.83 19.13
C LEU A 189 6.24 16.20 19.60
N ILE A 190 5.35 17.04 20.09
CA ILE A 190 5.72 18.38 20.52
C ILE A 190 6.61 18.30 21.77
N ALA A 191 6.38 17.31 22.64
CA ALA A 191 7.25 17.16 23.82
C ALA A 191 8.67 16.78 23.38
N GLU A 192 8.76 15.92 22.36
CA GLU A 192 10.05 15.51 21.83
C GLU A 192 10.78 16.65 21.13
N ASP A 193 10.11 17.48 20.37
CA ASP A 193 10.77 18.60 19.66
C ASP A 193 9.74 19.70 19.52
N ALA A 194 9.91 20.80 20.25
CA ALA A 194 8.89 21.85 20.21
C ALA A 194 8.59 22.40 18.84
N GLN A 195 9.52 22.47 17.90
CA GLN A 195 9.22 23.00 16.57
C GLN A 195 8.19 22.18 15.80
N MSE A 196 7.89 20.96 16.22
CA MSE A 196 6.93 20.10 15.56
C MSE A 196 5.53 20.75 15.57
O MSE A 196 4.77 20.64 14.61
CB MSE A 196 6.88 18.73 16.21
CG MSE A 196 8.06 17.81 16.12
SE MSE A 196 8.33 17.15 14.31
CE MSE A 196 9.69 18.36 13.76
N LYS A 197 5.27 21.62 16.57
CA LYS A 197 3.99 22.24 16.70
C LYS A 197 3.51 23.03 15.51
N ASP A 198 4.41 23.65 14.76
CA ASP A 198 3.98 24.46 13.63
C ASP A 198 4.03 23.72 12.30
N LEU A 199 4.52 22.45 12.30
CA LEU A 199 4.52 21.77 10.98
C LEU A 199 3.10 21.38 10.57
N TYR A 200 2.78 21.46 9.27
CA TYR A 200 1.42 21.07 8.84
C TYR A 200 1.35 19.55 8.83
N ALA A 201 0.22 19.03 9.24
CA ALA A 201 -0.04 17.63 9.28
C ALA A 201 -1.49 17.31 9.00
N VAL A 202 -1.79 16.04 8.77
CA VAL A 202 -3.20 15.64 8.54
C VAL A 202 -3.51 14.52 9.56
N GLY A 203 -4.60 14.68 10.30
CA GLY A 203 -5.04 13.64 11.22
C GLY A 203 -6.14 12.87 10.45
N ILE A 204 -6.11 11.53 10.45
CA ILE A 204 -7.10 10.70 9.79
C ILE A 204 -7.66 9.67 10.77
N ALA A 205 -8.98 9.72 11.04
CA ALA A 205 -9.55 8.74 11.96
C ALA A 205 -10.44 7.74 11.22
N ARG A 206 -10.22 6.47 11.55
CA ARG A 206 -11.00 5.35 11.06
C ARG A 206 -10.98 5.16 9.56
N ALA A 207 -9.78 5.30 9.03
CA ALA A 207 -9.54 5.11 7.57
C ALA A 207 -10.13 3.80 7.11
N GLY A 208 -10.94 3.78 6.08
CA GLY A 208 -11.55 2.61 5.49
C GLY A 208 -12.97 2.41 5.95
N SER A 209 -13.42 3.16 6.97
CA SER A 209 -14.75 3.05 7.52
C SER A 209 -15.82 3.69 6.63
N GLY A 210 -15.40 4.59 5.78
CA GLY A 210 -16.22 5.35 4.87
C GLY A 210 -16.84 6.54 5.58
N GLU A 211 -16.60 6.66 6.87
CA GLU A 211 -17.09 7.69 7.76
C GLU A 211 -15.95 8.40 8.48
N GLU A 212 -14.80 8.47 7.81
CA GLU A 212 -13.62 9.07 8.36
C GLU A 212 -13.64 10.54 8.72
N VAL A 213 -12.85 10.87 9.74
CA VAL A 213 -12.63 12.26 10.14
C VAL A 213 -11.25 12.67 9.66
N VAL A 214 -11.22 13.62 8.69
CA VAL A 214 -9.88 14.02 8.17
C VAL A 214 -9.70 15.53 8.34
N LYS A 215 -8.58 15.98 8.89
CA LYS A 215 -8.31 17.37 9.11
C LYS A 215 -6.83 17.73 8.94
N CYS A 216 -6.56 18.71 8.06
CA CYS A 216 -5.21 19.21 7.88
C CYS A 216 -5.01 20.56 8.57
N ASP A 217 -4.02 20.71 9.41
CA ASP A 217 -3.73 21.96 10.10
C ASP A 217 -2.31 21.86 10.65
N ARG A 218 -1.86 22.95 11.23
CA ARG A 218 -0.57 22.93 11.94
C ARG A 218 -0.78 21.83 13.01
N LEU A 219 0.25 21.09 13.32
CA LEU A 219 0.19 20.00 14.27
C LEU A 219 -0.48 20.35 15.58
N GLU A 220 -0.02 21.43 16.21
CA GLU A 220 -0.63 21.79 17.50
C GLU A 220 -2.11 22.04 17.39
N ASN A 221 -2.63 22.52 16.25
CA ASN A 221 -4.04 22.78 16.10
C ASN A 221 -4.88 21.54 15.96
N LEU A 222 -4.27 20.35 15.73
CA LEU A 222 -5.06 19.14 15.61
C LEU A 222 -5.62 18.68 16.96
N LYS A 223 -5.07 19.21 18.05
CA LYS A 223 -5.62 18.87 19.37
C LYS A 223 -7.01 19.45 19.51
N LYS A 224 -7.40 20.44 18.70
CA LYS A 224 -8.73 21.05 18.73
C LYS A 224 -9.81 20.22 18.07
N ILE A 225 -9.47 19.17 17.34
CA ILE A 225 -10.42 18.37 16.64
C ILE A 225 -10.89 17.11 17.36
N ASP A 226 -12.20 16.83 17.23
CA ASP A 226 -12.74 15.62 17.83
C ASP A 226 -12.68 14.51 16.78
N PHE A 227 -11.56 13.75 16.88
CA PHE A 227 -11.37 12.66 15.92
C PHE A 227 -12.13 11.42 16.33
N GLY A 228 -12.84 11.39 17.48
CA GLY A 228 -13.61 10.18 17.78
C GLY A 228 -12.72 9.01 18.17
N LYS A 229 -13.27 7.81 18.07
CA LYS A 229 -12.54 6.59 18.44
C LYS A 229 -11.45 6.16 17.46
N PRO A 230 -10.48 5.44 17.99
CA PRO A 230 -9.39 4.86 17.21
C PRO A 230 -10.00 3.95 16.18
N LEU A 231 -9.29 3.47 15.17
CA LEU A 231 -7.89 3.81 15.04
C LEU A 231 -7.62 5.10 14.26
N HIS A 232 -6.51 5.73 14.71
CA HIS A 232 -6.07 6.96 14.06
C HIS A 232 -4.70 6.82 13.43
N VAL A 233 -4.48 7.56 12.34
CA VAL A 233 -3.24 7.69 11.65
C VAL A 233 -2.99 9.17 11.34
N MSE A 234 -1.72 9.54 11.13
CA MSE A 234 -1.39 10.90 10.81
C MSE A 234 -0.38 10.95 9.66
O MSE A 234 0.35 10.02 9.44
CB MSE A 234 -0.78 11.72 11.95
CG MSE A 234 -1.51 11.58 13.28
SE MSE A 234 -0.79 12.85 14.54
CE MSE A 234 -1.41 14.48 13.82
N VAL A 235 -0.37 12.16 9.05
CA VAL A 235 0.61 12.38 7.99
C VAL A 235 1.28 13.70 8.31
N VAL A 236 2.60 13.77 8.28
CA VAL A 236 3.26 15.06 8.49
C VAL A 236 3.74 15.45 7.06
N LEU A 237 3.28 16.62 6.62
CA LEU A 237 3.59 16.99 5.26
C LEU A 237 5.03 17.27 4.91
N ALA A 238 5.31 17.08 3.60
CA ALA A 238 6.64 17.42 3.09
C ALA A 238 6.89 18.91 3.22
N LYS A 239 8.09 19.34 2.78
CA LYS A 239 8.39 20.79 2.87
C LYS A 239 7.54 21.55 1.88
N THR A 240 7.20 21.02 0.72
CA THR A 240 6.38 21.72 -0.26
C THR A 240 5.19 20.84 -0.64
N LEU A 241 4.21 21.36 -1.35
CA LEU A 241 3.10 20.61 -1.87
C LEU A 241 2.92 20.86 -3.37
N HIS A 242 2.52 19.86 -4.08
CA HIS A 242 2.16 20.03 -5.51
C HIS A 242 0.86 20.81 -5.48
N PHE A 243 0.55 21.62 -6.48
CA PHE A 243 -0.70 22.39 -6.40
C PHE A 243 -1.93 21.51 -6.25
N MSE A 244 -1.99 20.34 -6.88
CA MSE A 244 -3.13 19.46 -6.77
C MSE A 244 -3.24 18.88 -5.33
O MSE A 244 -4.34 18.57 -4.99
CB MSE A 244 -3.16 18.34 -7.80
CB MSE A 244 -3.01 18.30 -7.76
CG MSE A 244 -3.48 18.83 -9.22
CG MSE A 244 -4.06 17.24 -7.69
SE MSE A 244 -5.18 19.70 -9.35
SE MSE A 244 -5.78 17.57 -8.38
CE MSE A 244 -6.38 18.24 -9.46
CE MSE A 244 -5.89 19.46 -8.49
N GLU A 245 -2.13 18.67 -4.67
CA GLU A 245 -2.24 18.16 -3.28
C GLU A 245 -2.90 19.25 -2.41
N PHE A 246 -2.47 20.52 -2.59
CA PHE A 246 -3.05 21.63 -1.85
C PHE A 246 -4.56 21.72 -2.11
N GLU A 247 -4.96 21.57 -3.37
CA GLU A 247 -6.34 21.65 -3.78
C GLU A 247 -7.19 20.55 -3.12
N CYS A 248 -6.61 19.35 -3.08
CA CYS A 248 -7.34 18.21 -2.48
C CYS A 248 -7.40 18.35 -0.97
N LEU A 249 -6.37 18.85 -0.31
CA LEU A 249 -6.38 19.00 1.15
C LEU A 249 -7.40 20.08 1.52
N ARG A 250 -7.50 21.10 0.65
CA ARG A 250 -8.52 22.14 0.93
C ARG A 250 -9.93 21.55 0.77
N GLU A 251 -10.21 20.73 -0.23
CA GLU A 251 -11.51 20.18 -0.41
C GLU A 251 -11.79 18.96 0.51
N PHE A 252 -10.80 18.08 0.70
CA PHE A 252 -11.11 16.88 1.48
C PHE A 252 -10.70 16.96 2.94
N ALA A 253 -9.74 17.76 3.34
CA ALA A 253 -9.26 17.83 4.71
C ALA A 253 -9.43 19.15 5.43
N ASP A 254 -10.26 20.04 4.86
CA ASP A 254 -10.60 21.33 5.47
C ASP A 254 -9.39 22.13 5.86
N ALA A 255 -8.32 22.12 4.98
CA ALA A 255 -7.10 22.79 5.25
C ALA A 255 -7.32 24.32 5.31
N PRO A 256 -6.50 25.00 6.06
CA PRO A 256 -6.59 26.45 6.17
C PRO A 256 -5.89 27.05 4.96
N ALA A 257 -6.32 28.23 4.57
CA ALA A 257 -5.75 28.92 3.42
C ALA A 257 -4.24 29.08 3.47
N GLU A 258 -3.59 29.33 4.56
CA GLU A 258 -2.17 29.51 4.75
C GLU A 258 -1.34 28.31 4.24
N LEU A 259 -1.94 27.15 4.08
CA LEU A 259 -1.25 25.97 3.53
C LEU A 259 -0.77 26.22 2.13
N GLU A 260 -1.38 27.16 1.38
CA GLU A 260 -0.95 27.47 0.03
C GLU A 260 0.48 27.97 0.00
N ARG A 261 1.02 28.45 1.10
CA ARG A 261 2.40 28.89 1.15
C ARG A 261 3.37 27.73 0.83
N LEU A 262 2.92 26.49 1.00
CA LEU A 262 3.79 25.34 0.70
C LEU A 262 3.83 25.01 -0.78
N VAL A 263 3.01 25.62 -1.61
CA VAL A 263 2.94 25.35 -3.03
C VAL A 263 4.12 26.05 -3.75
N SER B 13 -27.44 9.25 -6.88
CA SER B 13 -26.23 9.91 -7.42
C SER B 13 -24.99 9.55 -6.61
N LEU B 14 -24.02 8.91 -7.30
CA LEU B 14 -22.80 8.57 -6.54
C LEU B 14 -21.73 8.04 -7.49
N LEU B 15 -20.48 8.34 -7.19
CA LEU B 15 -19.37 7.81 -8.00
C LEU B 15 -18.48 7.02 -6.99
N THR B 16 -18.37 5.75 -7.22
CA THR B 16 -17.57 4.87 -6.33
C THR B 16 -16.36 4.37 -7.10
N PHE B 17 -15.18 4.59 -6.52
CA PHE B 17 -13.89 4.17 -7.06
C PHE B 17 -13.64 2.79 -6.40
N VAL B 18 -13.42 1.78 -7.17
CA VAL B 18 -13.30 0.43 -6.58
C VAL B 18 -12.01 -0.21 -7.07
N GLY B 19 -11.22 -0.61 -6.06
CA GLY B 19 -9.93 -1.23 -6.43
C GLY B 19 -10.12 -2.65 -6.91
N LEU B 20 -9.37 -2.99 -7.97
CA LEU B 20 -9.44 -4.34 -8.50
C LEU B 20 -8.40 -5.27 -7.86
N GLY B 21 -7.40 -4.66 -7.22
CA GLY B 21 -6.34 -5.58 -6.70
C GLY B 21 -5.32 -5.73 -7.80
N LEU B 22 -4.45 -6.74 -7.65
CA LEU B 22 -3.34 -6.91 -8.55
C LEU B 22 -3.36 -7.85 -9.72
N TRP B 23 -4.15 -8.92 -9.78
CA TRP B 23 -4.03 -9.86 -10.86
C TRP B 23 -5.27 -10.34 -11.59
N ASP B 24 -6.22 -10.93 -10.90
CA ASP B 24 -7.40 -11.47 -11.60
C ASP B 24 -8.69 -10.98 -10.94
N VAL B 25 -9.83 -11.40 -11.49
CA VAL B 25 -11.15 -10.98 -11.02
C VAL B 25 -11.43 -11.25 -9.56
N LYS B 26 -10.82 -12.30 -8.97
CA LYS B 26 -11.12 -12.51 -7.54
C LYS B 26 -10.30 -11.63 -6.62
N ASP B 27 -9.46 -10.72 -7.13
CA ASP B 27 -8.67 -9.86 -6.26
C ASP B 27 -9.49 -8.69 -5.73
N ILE B 28 -10.71 -8.48 -6.24
CA ILE B 28 -11.57 -7.40 -5.76
C ILE B 28 -12.09 -7.75 -4.36
N SER B 29 -12.39 -6.79 -3.53
CA SER B 29 -12.92 -7.09 -2.20
C SER B 29 -14.37 -7.56 -2.31
N VAL B 30 -14.85 -8.30 -1.31
CA VAL B 30 -16.25 -8.71 -1.31
C VAL B 30 -17.15 -7.47 -1.34
N LYS B 31 -16.72 -6.42 -0.61
CA LYS B 31 -17.46 -5.15 -0.56
C LYS B 31 -17.49 -4.51 -1.95
N GLY B 32 -16.39 -4.62 -2.67
CA GLY B 32 -16.27 -4.11 -4.02
C GLY B 32 -17.18 -4.84 -5.01
N LEU B 33 -17.22 -6.15 -4.92
CA LEU B 33 -18.05 -6.99 -5.78
C LEU B 33 -19.53 -6.62 -5.55
N GLU B 34 -19.89 -6.40 -4.28
CA GLU B 34 -21.26 -6.01 -3.95
C GLU B 34 -21.60 -4.65 -4.53
N ALA B 35 -20.64 -3.73 -4.54
CA ALA B 35 -20.82 -2.39 -5.04
C ALA B 35 -21.01 -2.41 -6.57
N VAL B 36 -20.25 -3.24 -7.25
CA VAL B 36 -20.35 -3.41 -8.69
C VAL B 36 -21.73 -4.04 -9.02
N ARG B 37 -22.18 -5.00 -8.22
CA ARG B 37 -23.50 -5.59 -8.53
C ARG B 37 -24.63 -4.60 -8.23
N GLU B 38 -24.41 -3.74 -7.25
CA GLU B 38 -25.41 -2.74 -6.88
C GLU B 38 -25.45 -1.54 -7.82
N ALA B 39 -24.36 -1.22 -8.49
CA ALA B 39 -24.22 -0.12 -9.39
C ALA B 39 -25.18 -0.06 -10.57
N ASP B 40 -25.55 1.18 -10.95
CA ASP B 40 -26.39 1.33 -12.15
C ASP B 40 -25.51 1.12 -13.38
N GLU B 41 -24.36 1.79 -13.39
CA GLU B 41 -23.40 1.72 -14.48
C GLU B 41 -21.99 1.32 -13.98
N VAL B 42 -21.29 0.44 -14.65
CA VAL B 42 -19.94 0.00 -14.18
C VAL B 42 -18.87 0.28 -15.21
N TYR B 43 -17.81 1.04 -14.93
CA TYR B 43 -16.76 1.31 -15.91
C TYR B 43 -15.40 0.77 -15.39
N VAL B 44 -14.46 0.60 -16.28
CA VAL B 44 -13.12 0.14 -15.87
C VAL B 44 -12.07 0.89 -16.67
N GLU B 45 -10.90 1.13 -16.08
CA GLU B 45 -9.82 1.79 -16.80
C GLU B 45 -8.57 0.90 -16.70
N TYR B 46 -7.80 0.84 -17.78
CA TYR B 46 -6.60 0.04 -17.85
C TYR B 46 -5.43 0.91 -18.35
N TYR B 47 -5.50 2.17 -17.93
CA TYR B 47 -4.47 3.13 -18.24
C TYR B 47 -3.44 3.30 -17.13
N THR B 48 -3.85 3.31 -15.87
CA THR B 48 -2.94 3.50 -14.77
C THR B 48 -2.13 2.23 -14.45
N SER B 49 -2.69 1.10 -14.79
CA SER B 49 -2.04 -0.20 -14.58
C SER B 49 -2.90 -1.20 -15.33
N LYS B 50 -2.72 -2.50 -15.19
CA LYS B 50 -3.61 -3.44 -15.89
C LYS B 50 -3.67 -4.75 -15.12
N LEU B 51 -4.69 -5.57 -15.35
CA LEU B 51 -4.76 -6.86 -14.66
C LEU B 51 -4.66 -7.94 -15.76
N LEU B 52 -4.63 -9.21 -15.36
CA LEU B 52 -4.56 -10.26 -16.39
C LEU B 52 -5.91 -10.28 -17.11
N SER B 53 -6.96 -10.34 -16.31
CA SER B 53 -8.34 -10.38 -16.71
C SER B 53 -8.72 -9.47 -17.87
N SER B 54 -9.59 -10.01 -18.75
CA SER B 54 -10.07 -9.25 -19.89
C SER B 54 -11.45 -8.70 -19.53
N ILE B 55 -11.97 -7.78 -20.34
CA ILE B 55 -13.30 -7.24 -20.00
C ILE B 55 -14.41 -8.25 -20.05
N GLU B 56 -14.34 -9.30 -20.88
CA GLU B 56 -15.40 -10.31 -20.91
C GLU B 56 -15.35 -11.14 -19.63
N GLU B 57 -14.13 -11.47 -19.21
CA GLU B 57 -13.95 -12.26 -17.99
C GLU B 57 -14.61 -11.54 -16.81
N MSE B 58 -14.38 -10.23 -16.71
CA MSE B 58 -14.99 -9.44 -15.65
C MSE B 58 -16.50 -9.47 -15.75
O MSE B 58 -17.22 -9.67 -14.77
CB MSE B 58 -14.47 -8.00 -15.72
CG MSE B 58 -13.07 -7.80 -15.15
SE MSE B 58 -12.51 -5.96 -15.18
CE MSE B 58 -14.15 -5.09 -14.80
N GLU B 59 -17.02 -9.35 -16.98
CA GLU B 59 -18.46 -9.40 -17.19
C GLU B 59 -19.08 -10.70 -16.72
N GLU B 60 -18.42 -11.83 -17.00
CA GLU B 60 -18.96 -13.12 -16.55
C GLU B 60 -18.90 -13.27 -15.04
N PHE B 61 -17.84 -12.71 -14.44
CA PHE B 61 -17.68 -12.79 -12.99
C PHE B 61 -18.71 -11.91 -12.29
N PHE B 62 -18.89 -10.68 -12.76
CA PHE B 62 -19.83 -9.76 -12.16
C PHE B 62 -21.28 -10.06 -12.54
N GLY B 63 -21.45 -10.64 -13.73
CA GLY B 63 -22.83 -10.96 -14.14
C GLY B 63 -23.52 -9.71 -14.66
N LYS B 64 -22.72 -8.77 -15.19
CA LYS B 64 -23.27 -7.54 -15.75
C LYS B 64 -22.23 -6.88 -16.63
N ARG B 65 -22.65 -5.92 -17.43
CA ARG B 65 -21.81 -5.21 -18.36
C ARG B 65 -20.77 -4.30 -17.74
N VAL B 66 -19.59 -4.27 -18.35
CA VAL B 66 -18.49 -3.43 -17.92
C VAL B 66 -17.94 -2.67 -19.14
N VAL B 67 -17.87 -1.36 -19.06
CA VAL B 67 -17.37 -0.52 -20.13
C VAL B 67 -15.98 0.05 -19.85
N GLU B 68 -15.08 -0.18 -20.80
CA GLU B 68 -13.71 0.29 -20.68
C GLU B 68 -13.58 1.75 -21.03
N LEU B 69 -12.91 2.52 -20.17
CA LEU B 69 -12.69 3.94 -20.40
C LEU B 69 -11.24 4.16 -20.81
N GLU B 70 -10.98 5.16 -21.63
CA GLU B 70 -9.60 5.43 -22.05
C GLU B 70 -9.02 6.61 -21.29
N ARG B 71 -7.74 6.88 -21.47
CA ARG B 71 -7.03 7.96 -20.84
C ARG B 71 -7.80 9.29 -20.89
N SER B 72 -8.25 9.68 -22.10
CA SER B 72 -9.00 10.96 -22.16
C SER B 72 -10.19 11.01 -21.24
N ASP B 73 -10.88 9.92 -20.96
CA ASP B 73 -12.02 9.88 -20.07
C ASP B 73 -11.63 10.07 -18.62
N LEU B 74 -10.34 9.94 -18.31
CA LEU B 74 -9.89 10.09 -16.93
C LEU B 74 -9.23 11.43 -16.70
N GLU B 75 -8.85 12.08 -17.82
CA GLU B 75 -8.18 13.37 -17.70
C GLU B 75 -8.99 14.52 -18.27
N GLU B 76 -8.68 14.94 -19.51
CA GLU B 76 -9.45 16.07 -20.06
C GLU B 76 -10.94 15.91 -20.06
N ASN B 77 -11.48 14.77 -20.44
CA ASN B 77 -12.90 14.56 -20.50
C ASN B 77 -13.47 13.90 -19.26
N SER B 78 -12.87 14.13 -18.09
CA SER B 78 -13.43 13.50 -16.86
C SER B 78 -14.83 13.96 -16.53
N PHE B 79 -15.27 15.11 -17.08
CA PHE B 79 -16.60 15.60 -16.86
C PHE B 79 -17.62 14.58 -17.34
N ARG B 80 -17.34 13.79 -18.40
CA ARG B 80 -18.35 12.85 -18.86
C ARG B 80 -18.77 11.81 -17.86
N LEU B 81 -17.73 11.20 -17.23
CA LEU B 81 -18.02 10.18 -16.22
C LEU B 81 -18.81 10.79 -15.07
N ILE B 82 -18.38 11.97 -14.67
CA ILE B 82 -19.03 12.65 -13.51
C ILE B 82 -20.45 13.03 -13.84
N GLU B 83 -20.73 13.36 -15.11
CA GLU B 83 -22.12 13.70 -15.49
C GLU B 83 -23.01 12.50 -15.36
N ARG B 84 -22.46 11.30 -15.65
CA ARG B 84 -23.31 10.11 -15.50
C ARG B 84 -23.65 9.91 -14.04
N ALA B 85 -22.72 10.21 -13.13
CA ALA B 85 -22.97 10.04 -11.69
C ALA B 85 -23.83 11.10 -11.06
N LYS B 86 -24.29 12.13 -11.83
CA LYS B 86 -25.20 13.11 -11.25
C LYS B 86 -26.60 12.51 -11.14
N SER B 87 -26.92 11.48 -11.91
CA SER B 87 -28.24 10.87 -11.79
C SER B 87 -28.25 9.38 -11.52
N LYS B 88 -27.09 8.74 -11.42
CA LYS B 88 -27.06 7.30 -11.20
C LYS B 88 -25.92 6.91 -10.24
N SER B 89 -25.96 5.66 -9.82
CA SER B 89 -24.90 5.13 -8.95
C SER B 89 -23.85 4.51 -9.89
N VAL B 90 -22.74 5.20 -10.06
CA VAL B 90 -21.69 4.77 -10.98
C VAL B 90 -20.44 4.17 -10.29
N VAL B 91 -19.89 3.12 -10.88
CA VAL B 91 -18.65 2.52 -10.33
C VAL B 91 -17.53 2.63 -11.37
N LEU B 92 -16.35 3.09 -10.94
CA LEU B 92 -15.18 3.15 -11.77
C LEU B 92 -14.15 2.10 -11.20
N LEU B 93 -13.91 1.02 -11.93
CA LEU B 93 -12.94 0.00 -11.46
C LEU B 93 -11.54 0.38 -11.84
N VAL B 94 -10.60 0.34 -10.89
CA VAL B 94 -9.21 0.72 -11.15
C VAL B 94 -8.27 -0.41 -10.68
N PRO B 95 -7.26 -0.74 -11.43
CA PRO B 95 -6.30 -1.78 -11.05
C PRO B 95 -5.62 -1.40 -9.74
N GLY B 96 -5.44 -2.36 -8.82
CA GLY B 96 -4.81 -2.03 -7.56
C GLY B 96 -5.69 -1.31 -6.55
N ASP B 97 -5.25 -0.19 -5.99
CA ASP B 97 -5.96 0.60 -5.01
C ASP B 97 -6.17 2.00 -5.63
N PRO B 98 -7.42 2.45 -5.66
CA PRO B 98 -7.72 3.76 -6.18
C PRO B 98 -6.93 4.83 -5.44
N MSE B 99 -6.53 5.86 -6.19
CA MSE B 99 -5.79 6.97 -5.64
C MSE B 99 -4.32 6.70 -5.47
O MSE B 99 -3.63 7.71 -5.19
CB MSE B 99 -6.44 7.65 -4.44
CG MSE B 99 -7.61 8.55 -4.81
SE MSE B 99 -9.15 7.55 -5.35
CE MSE B 99 -10.41 8.97 -5.56
N VAL B 100 -3.78 5.50 -5.73
CA VAL B 100 -2.31 5.42 -5.67
C VAL B 100 -1.80 6.25 -6.90
N ALA B 101 -2.58 6.17 -7.99
CA ALA B 101 -2.30 6.95 -9.19
C ALA B 101 -2.91 8.33 -8.91
N THR B 102 -2.21 9.42 -9.17
CA THR B 102 -2.74 10.75 -8.89
C THR B 102 -3.96 11.09 -9.72
N THR B 103 -4.10 10.45 -10.87
CA THR B 103 -5.23 10.68 -11.74
C THR B 103 -6.57 10.67 -11.03
N HIS B 104 -6.78 9.65 -10.22
CA HIS B 104 -8.06 9.47 -9.54
C HIS B 104 -8.41 10.56 -8.56
N SER B 105 -7.41 11.06 -7.85
CA SER B 105 -7.69 12.14 -6.88
C SER B 105 -8.27 13.34 -7.62
N ALA B 106 -7.75 13.59 -8.83
CA ALA B 106 -8.31 14.77 -9.55
C ALA B 106 -9.76 14.55 -9.94
N ILE B 107 -10.16 13.33 -10.30
CA ILE B 107 -11.52 13.00 -10.68
C ILE B 107 -12.46 13.20 -9.49
N LYS B 108 -12.00 12.60 -8.35
CA LYS B 108 -12.72 12.80 -7.11
C LYS B 108 -12.91 14.27 -6.79
N LEU B 109 -11.89 15.13 -6.93
CA LEU B 109 -11.94 16.52 -6.66
C LEU B 109 -13.04 17.23 -7.47
N GLU B 110 -12.98 17.00 -8.78
CA GLU B 110 -13.92 17.58 -9.72
C GLU B 110 -15.34 17.19 -9.37
N ALA B 111 -15.54 15.93 -9.06
CA ALA B 111 -16.82 15.36 -8.69
C ALA B 111 -17.36 16.00 -7.40
N GLU B 112 -16.54 16.04 -6.35
CA GLU B 112 -17.01 16.67 -5.10
C GLU B 112 -17.33 18.13 -5.34
N ARG B 113 -16.50 18.84 -6.11
CA ARG B 113 -16.76 20.24 -6.40
C ARG B 113 -18.07 20.42 -7.15
N LYS B 114 -18.53 19.46 -7.93
CA LYS B 114 -19.78 19.48 -8.65
C LYS B 114 -20.94 18.91 -7.86
N GLY B 115 -20.77 18.68 -6.55
CA GLY B 115 -21.76 18.15 -5.66
C GLY B 115 -22.08 16.69 -5.80
N VAL B 116 -21.23 15.90 -6.45
CA VAL B 116 -21.47 14.46 -6.61
C VAL B 116 -20.71 13.74 -5.48
N LYS B 117 -21.41 12.99 -4.66
CA LYS B 117 -20.85 12.28 -3.53
C LYS B 117 -19.92 11.18 -4.04
N THR B 118 -18.77 10.99 -3.38
CA THR B 118 -17.89 9.91 -3.89
C THR B 118 -17.70 8.92 -2.72
N ARG B 119 -17.11 7.81 -3.06
CA ARG B 119 -16.80 6.74 -2.10
C ARG B 119 -15.59 5.98 -2.72
N ILE B 120 -14.72 5.46 -1.84
CA ILE B 120 -13.59 4.72 -2.36
C ILE B 120 -13.64 3.34 -1.64
N ILE B 121 -13.60 2.30 -2.44
CA ILE B 121 -13.54 0.91 -1.95
C ILE B 121 -12.10 0.51 -2.27
N HIS B 122 -11.31 0.28 -1.21
CA HIS B 122 -9.88 0.02 -1.38
C HIS B 122 -9.48 -1.34 -1.91
N GLY B 123 -8.34 -1.36 -2.59
CA GLY B 123 -7.77 -2.59 -3.16
C GLY B 123 -6.30 -2.78 -2.74
N ALA B 124 -5.76 -3.97 -2.97
CA ALA B 124 -4.34 -4.21 -2.66
C ALA B 124 -3.50 -3.48 -3.72
N SER B 125 -2.37 -2.90 -3.32
CA SER B 125 -1.53 -2.15 -4.26
C SER B 125 -0.17 -2.83 -4.43
N ILE B 126 0.56 -2.44 -5.50
CA ILE B 126 1.86 -3.05 -5.73
C ILE B 126 2.89 -2.82 -4.66
N SER B 127 3.02 -1.68 -3.99
CA SER B 127 4.04 -1.54 -2.94
C SER B 127 3.93 -2.66 -1.91
N THR B 128 2.69 -2.82 -1.46
CA THR B 128 2.40 -3.84 -0.46
C THR B 128 2.89 -5.20 -0.92
N ALA B 129 2.46 -5.57 -2.14
CA ALA B 129 2.84 -6.85 -2.69
C ALA B 129 4.34 -7.02 -2.73
N VAL B 130 5.08 -5.95 -3.12
CA VAL B 130 6.53 -6.07 -3.16
C VAL B 130 7.09 -6.36 -1.79
N CYS B 131 6.56 -5.80 -0.70
CA CYS B 131 7.06 -6.16 0.65
C CYS B 131 6.85 -7.59 1.02
N GLY B 132 5.74 -8.22 0.70
CA GLY B 132 5.51 -9.61 1.06
C GLY B 132 6.34 -10.55 0.18
N LEU B 133 6.60 -10.16 -1.07
CA LEU B 133 7.38 -11.02 -1.95
C LEU B 133 8.88 -10.96 -1.68
N THR B 134 9.42 -9.92 -1.08
CA THR B 134 10.83 -9.74 -0.89
C THR B 134 11.30 -9.80 0.55
N GLY B 135 10.40 -9.49 1.48
CA GLY B 135 10.80 -9.40 2.89
C GLY B 135 11.38 -8.04 3.23
N LEU B 136 11.38 -7.05 2.26
CA LEU B 136 11.87 -5.73 2.60
C LEU B 136 10.82 -5.06 3.53
N HIS B 137 11.25 -4.28 4.44
CA HIS B 137 10.37 -3.61 5.43
C HIS B 137 9.68 -2.43 4.75
N ASN B 138 8.32 -2.44 4.83
CA ASN B 138 7.56 -1.35 4.22
C ASN B 138 7.94 -0.01 4.77
N TYR B 139 8.20 0.12 6.08
CA TYR B 139 8.53 1.45 6.62
C TYR B 139 9.83 2.02 6.07
N ARG B 140 10.69 1.18 5.50
CA ARG B 140 11.93 1.60 4.94
C ARG B 140 11.86 2.15 3.51
N PHE B 141 10.73 1.99 2.88
CA PHE B 141 10.56 2.56 1.52
C PHE B 141 10.47 4.08 1.56
N GLY B 142 11.22 4.74 0.67
CA GLY B 142 11.19 6.20 0.54
C GLY B 142 10.24 6.54 -0.60
N LYS B 143 10.55 7.66 -1.31
CA LYS B 143 9.73 8.08 -2.43
C LYS B 143 9.80 7.09 -3.60
N SER B 144 8.74 6.95 -4.37
CA SER B 144 8.77 6.11 -5.57
C SER B 144 9.04 6.95 -6.83
N ALA B 145 9.39 6.23 -7.90
CA ALA B 145 9.61 6.95 -9.20
C ALA B 145 9.18 6.01 -10.31
N THR B 146 8.94 6.61 -11.51
CA THR B 146 8.54 5.83 -12.66
C THR B 146 9.62 5.95 -13.75
N VAL B 147 10.13 4.82 -14.19
CA VAL B 147 11.18 4.86 -15.24
C VAL B 147 10.46 4.97 -16.58
N SER B 148 10.65 6.08 -17.28
CA SER B 148 9.90 6.25 -18.52
C SER B 148 10.71 5.79 -19.75
N TRP B 149 9.96 5.50 -20.80
CA TRP B 149 10.65 5.12 -22.08
C TRP B 149 11.51 6.31 -22.50
N HIS B 150 11.09 7.53 -22.25
CA HIS B 150 11.89 8.71 -22.55
C HIS B 150 12.84 9.01 -21.40
N ARG B 151 14.12 9.17 -21.74
CA ARG B 151 15.18 9.48 -20.82
C ARG B 151 14.75 10.57 -19.85
N SER B 152 15.21 10.43 -18.61
CA SER B 152 14.86 11.38 -17.56
C SER B 152 15.87 11.32 -16.42
N GLN B 153 16.07 12.44 -15.74
CA GLN B 153 17.00 12.45 -14.62
C GLN B 153 16.23 12.15 -13.31
N THR B 154 14.91 12.07 -13.40
CA THR B 154 14.09 11.87 -12.22
C THR B 154 14.32 10.58 -11.47
N PRO B 155 14.24 9.43 -12.07
CA PRO B 155 14.43 8.18 -11.29
C PRO B 155 15.74 8.16 -10.56
N VAL B 156 16.88 8.56 -11.19
CA VAL B 156 18.16 8.58 -10.53
C VAL B 156 18.20 9.56 -9.39
N ASN B 157 17.55 10.74 -9.56
CA ASN B 157 17.57 11.69 -8.48
C ASN B 157 16.79 11.14 -7.26
N VAL B 158 15.69 10.47 -7.54
CA VAL B 158 14.86 9.94 -6.40
C VAL B 158 15.64 8.85 -5.70
N ILE B 159 16.25 7.94 -6.46
CA ILE B 159 17.08 6.90 -5.84
C ILE B 159 18.16 7.48 -4.97
N LYS B 160 18.93 8.47 -5.46
CA LYS B 160 19.97 9.08 -4.62
C LYS B 160 19.41 9.76 -3.38
N ALA B 161 18.28 10.43 -3.55
CA ALA B 161 17.71 11.14 -2.39
C ALA B 161 17.27 10.11 -1.34
N ASN B 162 16.64 9.02 -1.82
CA ASN B 162 16.21 8.00 -0.86
C ASN B 162 17.43 7.34 -0.19
N ARG B 163 18.45 7.00 -0.99
CA ARG B 163 19.65 6.44 -0.31
C ARG B 163 20.25 7.37 0.71
N SER B 164 20.14 8.68 0.55
CA SER B 164 20.69 9.68 1.49
C SER B 164 20.04 9.56 2.85
N ILE B 165 18.81 9.04 2.94
CA ILE B 165 18.16 8.83 4.25
C ILE B 165 17.98 7.35 4.51
N ASP B 166 18.83 6.54 3.85
CA ASP B 166 18.81 5.09 4.02
C ASP B 166 17.45 4.44 3.84
N ALA B 167 16.84 4.73 2.69
CA ALA B 167 15.53 4.19 2.35
C ALA B 167 15.53 3.49 0.98
N HIS B 168 14.70 2.47 0.77
CA HIS B 168 14.57 1.77 -0.47
C HIS B 168 13.80 2.64 -1.47
N THR B 169 13.91 2.25 -2.75
CA THR B 169 13.16 3.01 -3.76
C THR B 169 12.38 2.05 -4.64
N LEU B 170 11.06 2.21 -4.69
CA LEU B 170 10.24 1.40 -5.54
C LEU B 170 10.16 2.11 -6.93
N LEU B 171 10.52 1.36 -7.93
CA LEU B 171 10.40 1.93 -9.28
C LEU B 171 9.31 1.25 -10.06
N PHE B 172 8.40 2.06 -10.61
CA PHE B 172 7.34 1.57 -11.50
C PHE B 172 7.93 1.75 -12.94
N LEU B 173 7.54 0.90 -13.84
CA LEU B 173 8.12 1.05 -15.22
C LEU B 173 7.04 1.52 -16.18
N ASP B 174 7.48 2.19 -17.27
CA ASP B 174 6.44 2.66 -18.23
C ASP B 174 5.55 1.59 -18.74
N LEU B 175 4.25 1.89 -18.90
CA LEU B 175 3.26 0.94 -19.37
C LEU B 175 2.92 1.22 -20.87
N HIS B 176 3.12 2.44 -21.29
CA HIS B 176 2.70 2.84 -22.65
C HIS B 176 3.85 3.37 -23.47
N PRO B 177 3.79 3.10 -24.80
CA PRO B 177 2.75 2.40 -25.45
C PRO B 177 2.78 0.91 -25.30
N GLU B 178 3.90 0.38 -24.82
CA GLU B 178 4.13 -1.01 -24.51
C GLU B 178 4.86 -1.06 -23.13
N PRO B 179 4.64 -2.10 -22.39
CA PRO B 179 5.29 -2.22 -21.08
C PRO B 179 6.78 -2.43 -21.16
N MSE B 180 7.51 -1.66 -20.34
CA MSE B 180 8.97 -1.75 -20.28
C MSE B 180 9.36 -2.95 -19.37
O MSE B 180 8.66 -3.11 -18.39
CB MSE B 180 9.48 -0.49 -19.64
CG MSE B 180 10.93 -0.43 -19.25
SE MSE B 180 11.45 1.25 -18.49
CE MSE B 180 10.69 2.38 -19.81
N THR B 181 10.43 -3.63 -19.68
CA THR B 181 10.90 -4.75 -18.84
C THR B 181 12.02 -4.31 -17.94
N ILE B 182 12.33 -5.14 -16.91
CA ILE B 182 13.47 -4.79 -16.03
C ILE B 182 14.74 -4.57 -16.82
N GLY B 183 15.02 -5.43 -17.82
CA GLY B 183 16.21 -5.26 -18.64
C GLY B 183 16.33 -3.85 -19.22
N HIS B 184 15.28 -3.30 -19.80
CA HIS B 184 15.33 -1.92 -20.32
C HIS B 184 15.51 -0.84 -19.27
N ALA B 185 14.92 -1.05 -18.08
CA ALA B 185 15.04 -0.07 -17.00
C ALA B 185 16.45 -0.03 -16.46
N VAL B 186 17.11 -1.21 -16.37
CA VAL B 186 18.51 -1.22 -15.92
C VAL B 186 19.38 -0.41 -16.88
N GLU B 187 19.19 -0.67 -18.16
CA GLU B 187 19.95 0.04 -19.20
C GLU B 187 19.76 1.56 -19.07
N ASN B 188 18.51 1.92 -18.90
CA ASN B 188 18.12 3.34 -18.78
C ASN B 188 18.77 3.98 -17.58
N LEU B 189 18.76 3.35 -16.40
CA LEU B 189 19.36 3.90 -15.20
C LEU B 189 20.86 4.03 -15.35
N ILE B 190 21.50 2.99 -15.90
CA ILE B 190 22.95 3.02 -16.09
C ILE B 190 23.34 4.09 -17.14
N ALA B 191 22.57 4.25 -18.16
CA ALA B 191 22.87 5.29 -19.19
C ALA B 191 22.86 6.67 -18.54
N GLU B 192 21.86 6.87 -17.64
CA GLU B 192 21.74 8.13 -16.94
C GLU B 192 22.84 8.39 -15.97
N ASP B 193 23.23 7.36 -15.21
CA ASP B 193 24.28 7.50 -14.20
C ASP B 193 24.98 6.15 -14.03
N ALA B 194 26.22 6.09 -14.53
CA ALA B 194 27.03 4.89 -14.47
C ALA B 194 27.10 4.27 -13.07
N GLN B 195 27.11 5.07 -12.00
CA GLN B 195 27.16 4.54 -10.65
C GLN B 195 25.96 3.69 -10.25
N MSE B 196 24.90 3.68 -11.06
CA MSE B 196 23.73 2.85 -10.73
C MSE B 196 24.02 1.38 -10.94
O MSE B 196 23.41 0.48 -10.36
CB MSE B 196 22.55 3.27 -11.58
CG MSE B 196 22.03 4.69 -11.45
SE MSE B 196 21.20 4.94 -9.69
CE MSE B 196 22.66 5.67 -8.78
N LYS B 197 24.97 1.06 -11.87
CA LYS B 197 25.25 -0.33 -12.16
C LYS B 197 25.65 -1.21 -10.97
N ASP B 198 26.35 -0.73 -9.98
CA ASP B 198 26.74 -1.58 -8.85
C ASP B 198 25.78 -1.50 -7.66
N LEU B 199 24.72 -0.71 -7.79
CA LEU B 199 23.77 -0.69 -6.63
C LEU B 199 22.93 -1.96 -6.66
N TYR B 200 22.65 -2.47 -5.45
CA TYR B 200 21.84 -3.68 -5.36
C TYR B 200 20.38 -3.33 -5.58
N ALA B 201 19.71 -4.19 -6.30
CA ALA B 201 18.32 -3.99 -6.65
C ALA B 201 17.60 -5.31 -6.67
N VAL B 202 16.28 -5.30 -6.72
CA VAL B 202 15.45 -6.47 -6.82
C VAL B 202 14.48 -6.31 -7.98
N GLY B 203 14.42 -7.29 -8.88
CA GLY B 203 13.46 -7.28 -9.96
C GLY B 203 12.30 -8.20 -9.61
N ILE B 204 11.08 -7.71 -9.80
CA ILE B 204 9.88 -8.48 -9.50
C ILE B 204 8.96 -8.50 -10.73
N ALA B 205 8.66 -9.71 -11.22
CA ALA B 205 7.76 -9.85 -12.35
C ALA B 205 6.44 -10.47 -11.89
N ARG B 206 5.36 -9.91 -12.41
CA ARG B 206 4.00 -10.30 -12.20
C ARG B 206 3.58 -10.37 -10.73
N ALA B 207 3.96 -9.36 -9.98
CA ALA B 207 3.59 -9.28 -8.55
C ALA B 207 2.08 -9.49 -8.43
N GLY B 208 1.67 -10.39 -7.57
CA GLY B 208 0.27 -10.68 -7.34
C GLY B 208 -0.26 -11.90 -8.05
N SER B 209 0.50 -12.43 -9.01
CA SER B 209 0.09 -13.59 -9.77
C SER B 209 0.22 -14.87 -8.97
N GLY B 210 1.12 -14.86 -7.99
CA GLY B 210 1.39 -16.10 -7.21
C GLY B 210 2.48 -16.93 -7.88
N GLU B 211 2.93 -16.54 -9.06
CA GLU B 211 3.97 -17.21 -9.82
C GLU B 211 5.04 -16.21 -10.21
N GLU B 212 5.31 -15.27 -9.30
CA GLU B 212 6.28 -14.24 -9.56
C GLU B 212 7.70 -14.73 -9.73
N VAL B 213 8.49 -13.94 -10.40
CA VAL B 213 9.90 -14.12 -10.62
C VAL B 213 10.57 -12.95 -9.86
N VAL B 214 11.25 -13.29 -8.77
CA VAL B 214 11.90 -12.29 -7.92
C VAL B 214 13.37 -12.55 -7.81
N LYS B 215 14.26 -11.64 -8.20
CA LYS B 215 15.68 -11.77 -8.12
C LYS B 215 16.41 -10.53 -7.62
N CYS B 216 17.23 -10.65 -6.61
CA CYS B 216 18.05 -9.57 -6.11
C CYS B 216 19.50 -9.69 -6.52
N ASP B 217 20.14 -8.66 -7.07
CA ASP B 217 21.58 -8.73 -7.38
C ASP B 217 22.00 -7.28 -7.69
N ARG B 218 23.27 -7.09 -8.02
CA ARG B 218 23.72 -5.73 -8.42
C ARG B 218 22.89 -5.40 -9.64
N LEU B 219 22.58 -4.11 -9.85
CA LEU B 219 21.69 -3.74 -10.93
C LEU B 219 22.06 -4.31 -12.28
N GLU B 220 23.33 -4.12 -12.66
CA GLU B 220 23.76 -4.62 -13.98
C GLU B 220 23.54 -6.11 -14.11
N ASN B 221 23.70 -6.88 -13.01
CA ASN B 221 23.47 -8.31 -13.07
C ASN B 221 22.05 -8.70 -13.32
N LEU B 222 21.04 -7.82 -13.12
CA LEU B 222 19.67 -8.22 -13.44
C LEU B 222 19.38 -8.36 -14.92
N LYS B 223 20.24 -7.94 -15.84
CA LYS B 223 19.98 -8.15 -17.28
C LYS B 223 20.14 -9.62 -17.66
N LYS B 224 20.81 -10.42 -16.82
CA LYS B 224 21.04 -11.84 -17.06
C LYS B 224 19.81 -12.69 -16.72
N ILE B 225 18.83 -12.09 -16.06
CA ILE B 225 17.66 -12.86 -15.65
C ILE B 225 16.51 -12.85 -16.61
N ASP B 226 15.85 -14.00 -16.74
CA ASP B 226 14.67 -14.10 -17.59
C ASP B 226 13.47 -13.76 -16.69
N PHE B 227 13.01 -12.52 -16.73
CA PHE B 227 11.86 -12.13 -15.90
C PHE B 227 10.53 -12.50 -16.47
N GLY B 228 10.46 -13.11 -17.66
CA GLY B 228 9.17 -13.50 -18.22
C GLY B 228 8.39 -12.25 -18.68
N LYS B 229 7.10 -12.39 -18.81
CA LYS B 229 6.24 -11.31 -19.26
C LYS B 229 6.01 -10.19 -18.26
N PRO B 230 5.70 -9.01 -18.75
CA PRO B 230 5.35 -7.86 -17.90
C PRO B 230 4.06 -8.22 -17.20
N LEU B 231 3.58 -7.48 -16.18
CA LEU B 231 4.26 -6.28 -15.78
C LEU B 231 5.44 -6.52 -14.85
N HIS B 232 6.42 -5.64 -14.90
CA HIS B 232 7.59 -5.74 -14.04
C HIS B 232 7.75 -4.46 -13.18
N VAL B 233 8.29 -4.60 -11.98
CA VAL B 233 8.59 -3.51 -11.07
C VAL B 233 9.97 -3.77 -10.50
N MSE B 234 10.68 -2.78 -9.99
CA MSE B 234 12.00 -2.99 -9.43
C MSE B 234 12.13 -2.21 -8.11
O MSE B 234 11.29 -1.35 -7.88
CB MSE B 234 13.11 -2.37 -10.30
CG MSE B 234 13.18 -2.87 -11.70
SE MSE B 234 14.88 -2.23 -12.41
CE MSE B 234 16.07 -3.39 -11.56
N VAL B 235 13.08 -2.65 -7.29
CA VAL B 235 13.33 -1.94 -6.06
C VAL B 235 14.80 -1.60 -6.00
N VAL B 236 15.21 -0.38 -5.73
CA VAL B 236 16.64 -0.17 -5.57
C VAL B 236 16.91 -0.11 -4.08
N LEU B 237 17.78 -1.01 -3.57
CA LEU B 237 17.97 -0.96 -2.13
C LEU B 237 18.63 0.25 -1.52
N ALA B 238 18.26 0.43 -0.24
CA ALA B 238 18.75 1.44 0.65
C ALA B 238 20.26 1.18 0.85
N LYS B 239 20.97 2.05 1.53
CA LYS B 239 22.39 1.86 1.77
C LYS B 239 22.62 0.61 2.62
N THR B 240 21.79 0.39 3.62
CA THR B 240 21.91 -0.76 4.48
C THR B 240 20.66 -1.65 4.44
N LEU B 241 20.79 -2.83 5.01
CA LEU B 241 19.65 -3.76 5.16
C LEU B 241 19.54 -4.21 6.62
N HIS B 242 18.36 -4.36 7.17
CA HIS B 242 18.18 -4.92 8.50
C HIS B 242 18.52 -6.41 8.28
N PHE B 243 18.97 -7.14 9.29
CA PHE B 243 19.33 -8.53 9.08
C PHE B 243 18.18 -9.37 8.57
N MSE B 244 16.93 -9.06 8.98
CA MSE B 244 15.79 -9.83 8.55
C MSE B 244 15.52 -9.62 7.05
O MSE B 244 15.13 -10.55 6.40
CB MSE B 244 14.51 -9.59 9.36
CB MSE B 244 14.53 -9.39 9.33
CG MSE B 244 13.43 -10.60 9.00
CG MSE B 244 13.32 -10.29 9.21
SE MSE B 244 13.59 -12.34 9.70
SE MSE B 244 11.72 -9.63 10.02
CE MSE B 244 15.23 -12.34 10.65
CE MSE B 244 12.14 -9.78 11.86
N GLU B 245 15.74 -8.37 6.62
CA GLU B 245 15.58 -8.06 5.22
C GLU B 245 16.63 -8.91 4.44
N PHE B 246 17.85 -8.88 4.90
CA PHE B 246 18.90 -9.67 4.24
C PHE B 246 18.51 -11.14 4.16
N GLU B 247 18.05 -11.73 5.27
CA GLU B 247 17.67 -13.14 5.27
C GLU B 247 16.54 -13.44 4.32
N CYS B 248 15.54 -12.50 4.23
CA CYS B 248 14.43 -12.73 3.35
C CYS B 248 14.83 -12.59 1.89
N LEU B 249 15.73 -11.68 1.58
CA LEU B 249 16.12 -11.52 0.16
C LEU B 249 16.93 -12.76 -0.23
N ARG B 250 17.69 -13.28 0.72
CA ARG B 250 18.49 -14.49 0.42
C ARG B 250 17.59 -15.67 0.11
N GLU B 251 16.50 -15.82 0.87
CA GLU B 251 15.57 -16.91 0.68
C GLU B 251 14.52 -16.69 -0.41
N PHE B 252 13.98 -15.48 -0.52
CA PHE B 252 12.88 -15.30 -1.47
C PHE B 252 13.33 -14.75 -2.83
N ALA B 253 14.47 -14.08 -2.81
CA ALA B 253 14.94 -13.48 -4.06
C ALA B 253 16.26 -13.97 -4.56
N ASP B 254 16.74 -15.13 -4.04
CA ASP B 254 18.00 -15.72 -4.49
C ASP B 254 19.18 -14.76 -4.47
N ALA B 255 19.26 -13.86 -3.48
CA ALA B 255 20.33 -12.91 -3.40
C ALA B 255 21.69 -13.61 -3.18
N PRO B 256 22.73 -13.06 -3.76
CA PRO B 256 24.09 -13.58 -3.58
C PRO B 256 24.57 -13.32 -2.17
N ALA B 257 25.51 -14.14 -1.71
CA ALA B 257 25.99 -14.03 -0.33
C ALA B 257 26.58 -12.72 0.09
N GLU B 258 27.24 -11.96 -0.76
CA GLU B 258 27.86 -10.71 -0.52
C GLU B 258 26.84 -9.57 -0.26
N LEU B 259 25.56 -9.88 -0.36
CA LEU B 259 24.52 -8.89 0.01
C LEU B 259 24.63 -8.65 1.50
N GLU B 260 25.21 -9.62 2.26
CA GLU B 260 25.34 -9.47 3.70
C GLU B 260 26.24 -8.29 4.08
N ARG B 261 27.03 -7.75 3.18
CA ARG B 261 27.86 -6.58 3.45
C ARG B 261 27.02 -5.32 3.70
N LEU B 262 25.77 -5.33 3.29
CA LEU B 262 24.85 -4.21 3.52
C LEU B 262 24.29 -4.25 4.93
N VAL B 263 24.44 -5.36 5.64
CA VAL B 263 23.94 -5.45 7.02
C VAL B 263 25.00 -4.84 7.97
N ALA B 264 24.64 -3.81 8.71
CA ALA B 264 25.60 -3.15 9.61
C ALA B 264 25.79 -3.91 10.91
#